data_3MDM
#
_entry.id   3MDM
#
_cell.length_a   58.830
_cell.length_b   85.820
_cell.length_c   104.200
_cell.angle_alpha   90.000
_cell.angle_beta   90.000
_cell.angle_gamma   90.000
#
_symmetry.space_group_name_H-M   'P 21 21 21'
#
loop_
_entity.id
_entity.type
_entity.pdbx_description
1 polymer 'Cholesterol 24-hydroxylase'
2 non-polymer 'PROTOPORPHYRIN IX CONTAINING FE'
3 non-polymer N-cyclohexyl-4-(1H-imidazol-5-yl)piperidine-1-carbothioamide
4 water water
#
_entity_poly.entity_id   1
_entity_poly.type   'polypeptide(L)'
_entity_poly.pdbx_seq_one_letter_code
;MAKKDEVGGRVLQDVFLDWAKKYGPVVRVNVFHKTSVIVTSPESVKKFLMSTKYNKDSKMYRALQTVFGERLFGQGLVSE
CNYERWHKQRRVIDLAFSRSSLVSLMETFNEKAEQLVEILEAKADGQTPVSMQDMLTYTAMDILAKAAFGMETSMLLGAQ
KPLSQAVKLMLEGITASRNTLAKFLPGKRKQLREVRESIRFLRQVGRDWVQRRREALKRGEEVPADILTQILKAEEGAQD
DEGLLDNFVTFFIAGHETSANHLAFTVMELSRQPEIVARLQAEVDEVIGSKRYLDFEDLGRLQYLSQVLKESLRLYPPAW
GTFRLLEEETLIDGVRVPGNTPLLFSTYVMGRMDTYFEDPLTFNPDRFGPGAPKPRFTYFPFSLGHRSCIGQQFAQMEVK
VVMAKLLQRLEFRLVPGQRFGLQEQATLKPLDPVLCTLRPRGWQPAPPPPPCHHHH
;
_entity_poly.pdbx_strand_id   A
#
loop_
_chem_comp.id
_chem_comp.type
_chem_comp.name
_chem_comp.formula
FJZ non-polymer N-cyclohexyl-4-(1H-imidazol-5-yl)piperidine-1-carbothioamide 'C15 H24 N4 S'
HEM non-polymer 'PROTOPORPHYRIN IX CONTAINING FE' 'C34 H32 Fe N4 O4'
#
# COMPACT_ATOMS: atom_id res chain seq x y z
N GLY A 9 -6.61 6.81 18.14
CA GLY A 9 -6.04 5.56 17.53
C GLY A 9 -7.07 4.70 16.81
N ARG A 10 -8.33 5.17 16.86
CA ARG A 10 -9.48 4.53 16.19
C ARG A 10 -9.73 5.20 14.83
N VAL A 11 -10.24 4.43 13.88
CA VAL A 11 -10.49 5.00 12.58
C VAL A 11 -11.93 4.68 12.17
N LEU A 12 -12.38 5.30 11.07
CA LEU A 12 -13.72 5.07 10.56
C LEU A 12 -13.93 3.58 10.36
N GLN A 13 -12.89 2.82 9.97
CA GLN A 13 -13.09 1.39 9.68
C GLN A 13 -13.47 0.58 10.92
N ASP A 14 -13.12 1.09 12.09
CA ASP A 14 -13.55 0.46 13.31
C ASP A 14 -15.06 0.57 13.52
N VAL A 15 -15.70 1.61 12.97
CA VAL A 15 -17.15 1.79 13.12
C VAL A 15 -17.78 0.76 12.18
N PHE A 16 -17.17 0.55 11.01
CA PHE A 16 -17.70 -0.48 10.13
C PHE A 16 -17.59 -1.84 10.84
N LEU A 17 -16.46 -2.11 11.51
CA LEU A 17 -16.33 -3.37 12.22
C LEU A 17 -17.46 -3.49 13.26
N ASP A 18 -17.72 -2.39 13.96
CA ASP A 18 -18.77 -2.40 15.01
C ASP A 18 -20.14 -2.72 14.37
N TRP A 19 -20.43 -2.10 13.22
CA TRP A 19 -21.72 -2.38 12.58
C TRP A 19 -21.77 -3.82 12.11
N ALA A 20 -20.66 -4.39 11.62
CA ALA A 20 -20.66 -5.78 11.14
C ALA A 20 -20.86 -6.74 12.33
N LYS A 21 -20.20 -6.45 13.43
CA LYS A 21 -20.33 -7.33 14.59
C LYS A 21 -21.77 -7.27 15.14
N LYS A 22 -22.37 -6.08 15.16
CA LYS A 22 -23.74 -5.91 15.68
C LYS A 22 -24.81 -6.51 14.78
N TYR A 23 -24.70 -6.22 13.48
CA TYR A 23 -25.76 -6.61 12.55
C TYR A 23 -25.55 -7.74 11.58
N GLY A 24 -24.36 -8.32 11.59
CA GLY A 24 -24.31 -9.49 10.73
C GLY A 24 -23.49 -9.43 9.49
N PRO A 25 -23.66 -10.43 8.61
CA PRO A 25 -22.85 -10.44 7.41
C PRO A 25 -23.12 -9.45 6.29
N VAL A 26 -24.29 -8.80 6.32
CA VAL A 26 -24.67 -7.83 5.29
C VAL A 26 -25.28 -6.65 6.06
N VAL A 27 -24.58 -5.51 6.07
CA VAL A 27 -25.05 -4.41 6.91
C VAL A 27 -24.87 -3.11 6.15
N ARG A 28 -25.93 -2.28 6.20
CA ARG A 28 -25.88 -0.97 5.58
C ARG A 28 -25.09 0.01 6.45
N VAL A 29 -24.12 0.68 5.82
CA VAL A 29 -23.27 1.66 6.46
C VAL A 29 -23.14 2.90 5.61
N ASN A 30 -22.58 3.95 6.19
CA ASN A 30 -22.40 5.23 5.53
C ASN A 30 -20.89 5.39 5.27
N VAL A 31 -20.51 5.40 3.98
CA VAL A 31 -19.07 5.56 3.65
C VAL A 31 -18.93 6.63 2.59
N PHE A 32 -18.04 7.60 2.86
CA PHE A 32 -17.82 8.74 1.96
C PHE A 32 -19.20 9.45 1.77
N HIS A 33 -20.02 9.40 2.82
CA HIS A 33 -21.38 9.99 2.85
C HIS A 33 -22.33 9.34 1.86
N LYS A 34 -22.01 8.14 1.38
CA LYS A 34 -22.91 7.42 0.49
C LYS A 34 -23.32 6.13 1.18
N THR A 35 -24.46 5.59 0.81
CA THR A 35 -24.97 4.34 1.38
C THR A 35 -24.24 3.17 0.75
N SER A 36 -23.73 2.26 1.59
CA SER A 36 -23.03 1.07 1.06
C SER A 36 -23.46 -0.08 1.94
N VAL A 37 -23.23 -1.32 1.48
CA VAL A 37 -23.54 -2.48 2.31
C VAL A 37 -22.21 -3.20 2.48
N ILE A 38 -21.79 -3.40 3.73
CA ILE A 38 -20.54 -4.12 3.94
C ILE A 38 -20.90 -5.63 4.00
N VAL A 39 -20.17 -6.40 3.22
CA VAL A 39 -20.44 -7.86 3.08
C VAL A 39 -19.24 -8.58 3.71
N THR A 40 -19.50 -9.31 4.80
CA THR A 40 -18.40 -9.98 5.51
C THR A 40 -18.51 -11.52 5.59
N SER A 41 -19.36 -12.14 4.81
CA SER A 41 -19.33 -13.61 4.87
C SER A 41 -18.34 -14.08 3.81
N PRO A 42 -17.50 -15.08 4.17
CA PRO A 42 -16.51 -15.62 3.23
C PRO A 42 -17.13 -16.06 1.90
N GLU A 43 -18.32 -16.69 1.95
CA GLU A 43 -18.92 -17.15 0.71
C GLU A 43 -19.29 -16.01 -0.21
N SER A 44 -19.71 -14.90 0.38
CA SER A 44 -20.04 -13.72 -0.39
C SER A 44 -18.78 -13.01 -0.91
N VAL A 45 -17.72 -12.98 -0.10
CA VAL A 45 -16.45 -12.44 -0.63
C VAL A 45 -16.02 -13.24 -1.89
N LYS A 46 -16.09 -14.57 -1.80
CA LYS A 46 -15.72 -15.39 -2.95
C LYS A 46 -16.63 -15.12 -4.16
N LYS A 47 -17.95 -15.12 -3.96
CA LYS A 47 -18.84 -14.88 -5.06
C LYS A 47 -18.57 -13.59 -5.79
N PHE A 48 -18.35 -12.50 -5.04
CA PHE A 48 -18.20 -11.23 -5.75
C PHE A 48 -16.81 -10.85 -6.20
N LEU A 49 -15.80 -11.20 -5.43
CA LEU A 49 -14.47 -10.82 -5.85
C LEU A 49 -13.91 -11.77 -6.91
N MET A 50 -14.39 -13.03 -6.96
CA MET A 50 -13.76 -13.97 -7.88
C MET A 50 -14.42 -14.13 -9.24
N SER A 51 -15.33 -13.23 -9.58
CA SER A 51 -15.99 -13.25 -10.86
C SER A 51 -15.87 -11.93 -11.59
N THR A 52 -15.51 -11.96 -12.87
CA THR A 52 -15.41 -10.77 -13.63
C THR A 52 -16.85 -10.18 -13.86
N LYS A 53 -17.88 -10.91 -13.46
CA LYS A 53 -19.23 -10.37 -13.60
C LYS A 53 -19.44 -9.15 -12.72
N TYR A 54 -18.64 -9.01 -11.68
CA TYR A 54 -18.81 -7.91 -10.72
C TYR A 54 -17.61 -6.99 -10.81
N ASN A 55 -17.91 -5.70 -10.98
CA ASN A 55 -16.83 -4.74 -11.17
C ASN A 55 -16.88 -3.62 -10.21
N LYS A 56 -15.83 -2.79 -10.23
CA LYS A 56 -15.78 -1.71 -9.22
C LYS A 56 -16.87 -0.67 -9.38
N ASP A 57 -17.27 -0.06 -8.27
CA ASP A 57 -18.31 0.94 -8.32
C ASP A 57 -17.72 2.32 -8.52
N SER A 58 -17.98 2.89 -9.68
CA SER A 58 -17.38 4.18 -9.97
C SER A 58 -17.70 5.29 -8.97
N LYS A 59 -18.88 5.22 -8.36
CA LYS A 59 -19.29 6.24 -7.40
C LYS A 59 -18.33 6.29 -6.19
N MET A 60 -17.79 5.14 -5.84
CA MET A 60 -16.89 5.10 -4.67
C MET A 60 -15.48 5.44 -5.07
N TYR A 61 -15.08 5.20 -6.30
CA TYR A 61 -13.71 5.54 -6.68
C TYR A 61 -13.53 6.95 -7.17
N ARG A 62 -14.62 7.71 -7.18
CA ARG A 62 -14.50 9.12 -7.56
C ARG A 62 -13.63 9.89 -6.58
N ALA A 63 -13.58 9.41 -5.33
CA ALA A 63 -12.76 9.98 -4.26
C ALA A 63 -11.25 9.91 -4.59
N LEU A 64 -10.87 9.01 -5.49
CA LEU A 64 -9.47 8.94 -5.94
C LEU A 64 -9.34 9.60 -7.31
N GLN A 65 -10.36 9.47 -8.17
CA GLN A 65 -10.30 10.04 -9.51
C GLN A 65 -9.97 11.53 -9.47
N THR A 66 -10.68 12.25 -8.61
CA THR A 66 -10.52 13.70 -8.48
C THR A 66 -10.63 14.02 -6.98
N VAL A 67 -9.85 14.99 -6.51
CA VAL A 67 -9.85 15.36 -5.10
C VAL A 67 -10.00 16.88 -5.02
N PHE A 68 -11.02 17.38 -4.27
CA PHE A 68 -11.28 18.83 -4.20
C PHE A 68 -11.30 19.46 -5.59
N GLY A 69 -11.83 18.74 -6.56
CA GLY A 69 -11.93 19.23 -7.92
C GLY A 69 -10.75 19.07 -8.86
N GLU A 70 -9.64 18.53 -8.38
CA GLU A 70 -8.44 18.37 -9.20
C GLU A 70 -8.17 16.89 -9.55
N ARG A 71 -7.98 16.61 -10.84
CA ARG A 71 -7.74 15.23 -11.31
C ARG A 71 -6.47 14.70 -10.65
N LEU A 72 -6.58 13.52 -10.01
CA LEU A 72 -5.49 12.88 -9.31
C LEU A 72 -5.22 11.51 -9.96
N PHE A 73 -5.95 10.45 -9.58
CA PHE A 73 -5.73 9.13 -10.16
C PHE A 73 -6.48 9.02 -11.50
N GLY A 74 -7.41 9.92 -11.76
CA GLY A 74 -8.16 9.87 -13.01
C GLY A 74 -8.71 8.51 -13.32
N GLN A 75 -8.45 8.02 -14.52
CA GLN A 75 -8.88 6.72 -14.97
C GLN A 75 -7.73 5.74 -15.14
N GLY A 76 -6.74 5.89 -14.27
CA GLY A 76 -5.62 4.98 -14.22
C GLY A 76 -6.03 3.56 -13.75
N LEU A 77 -5.02 2.71 -13.56
CA LEU A 77 -5.33 1.29 -13.32
C LEU A 77 -6.14 0.99 -12.10
N VAL A 78 -5.96 1.79 -11.04
CA VAL A 78 -6.75 1.52 -9.82
C VAL A 78 -8.19 2.03 -9.86
N SER A 79 -8.36 3.23 -10.44
CA SER A 79 -9.63 3.90 -10.36
C SER A 79 -10.53 3.73 -11.62
N GLU A 80 -10.00 3.11 -12.67
CA GLU A 80 -10.84 2.80 -13.85
C GLU A 80 -11.74 1.66 -13.41
N CYS A 81 -13.07 1.83 -13.56
CA CYS A 81 -14.01 0.84 -13.09
C CYS A 81 -14.65 0.02 -14.19
N ASN A 82 -14.59 0.56 -15.42
CA ASN A 82 -15.15 -0.15 -16.57
C ASN A 82 -14.28 -1.36 -16.93
N TYR A 83 -14.89 -2.55 -17.02
CA TYR A 83 -14.12 -3.75 -17.26
C TYR A 83 -13.26 -3.71 -18.50
N GLU A 84 -13.86 -3.30 -19.63
CA GLU A 84 -13.12 -3.27 -20.89
C GLU A 84 -11.93 -2.33 -20.96
N ARG A 85 -12.15 -1.10 -20.46
CA ARG A 85 -11.12 -0.05 -20.43
C ARG A 85 -10.02 -0.52 -19.45
N TRP A 86 -10.42 -1.07 -18.30
CA TRP A 86 -9.43 -1.58 -17.36
C TRP A 86 -8.60 -2.74 -17.94
N HIS A 87 -9.28 -3.70 -18.57
CA HIS A 87 -8.61 -4.89 -19.07
C HIS A 87 -7.58 -4.54 -20.13
N LYS A 88 -7.90 -3.54 -20.95
CA LYS A 88 -7.01 -3.11 -22.02
C LYS A 88 -5.68 -2.61 -21.43
N GLN A 89 -5.78 -1.80 -20.38
CA GLN A 89 -4.60 -1.26 -19.66
C GLN A 89 -3.89 -2.41 -18.92
N ARG A 90 -4.64 -3.23 -18.17
CA ARG A 90 -4.01 -4.28 -17.39
C ARG A 90 -3.14 -5.21 -18.22
N ARG A 91 -3.65 -5.61 -19.40
CA ARG A 91 -2.90 -6.52 -20.25
C ARG A 91 -1.58 -5.95 -20.68
N VAL A 92 -1.53 -4.64 -20.86
CA VAL A 92 -0.28 -4.06 -21.31
C VAL A 92 0.71 -3.90 -20.16
N ILE A 93 0.20 -3.40 -19.03
CA ILE A 93 1.10 -3.16 -17.91
C ILE A 93 1.58 -4.45 -17.21
N ASP A 94 0.82 -5.55 -17.27
CA ASP A 94 1.20 -6.83 -16.66
C ASP A 94 2.55 -7.23 -17.17
N LEU A 95 2.89 -6.80 -18.39
CA LEU A 95 4.19 -7.17 -18.95
C LEU A 95 5.38 -6.68 -18.07
N ALA A 96 5.20 -5.53 -17.42
CA ALA A 96 6.24 -4.97 -16.54
C ALA A 96 6.40 -5.71 -15.23
N PHE A 97 5.50 -6.65 -14.96
CA PHE A 97 5.50 -7.39 -13.71
C PHE A 97 5.74 -8.91 -13.82
N SER A 98 6.34 -9.31 -14.93
CA SER A 98 6.64 -10.75 -15.11
C SER A 98 7.67 -11.16 -14.09
N ARG A 99 7.73 -12.45 -13.81
CA ARG A 99 8.68 -13.01 -12.87
C ARG A 99 10.09 -12.52 -13.21
N SER A 100 10.45 -12.55 -14.50
CA SER A 100 11.78 -12.09 -14.86
C SER A 100 12.04 -10.59 -14.59
N SER A 101 11.04 -9.72 -14.85
CA SER A 101 11.22 -8.31 -14.59
C SER A 101 11.45 -8.11 -13.09
N LEU A 102 10.67 -8.80 -12.27
CA LEU A 102 10.80 -8.64 -10.82
C LEU A 102 12.16 -9.07 -10.30
N VAL A 103 12.68 -10.18 -10.80
CA VAL A 103 13.99 -10.63 -10.33
C VAL A 103 15.05 -9.59 -10.69
N SER A 104 14.90 -8.96 -11.84
CA SER A 104 15.83 -7.92 -12.26
C SER A 104 15.80 -6.71 -11.33
N LEU A 105 14.76 -6.59 -10.47
CA LEU A 105 14.60 -5.47 -9.54
C LEU A 105 15.27 -5.75 -8.19
N MET A 106 15.70 -6.98 -7.98
CA MET A 106 16.37 -7.25 -6.72
C MET A 106 17.59 -6.37 -6.53
N GLU A 107 18.26 -5.98 -7.61
CA GLU A 107 19.45 -5.12 -7.46
C GLU A 107 18.99 -3.82 -6.84
N THR A 108 17.87 -3.29 -7.33
CA THR A 108 17.35 -2.00 -6.84
C THR A 108 16.92 -2.13 -5.38
N PHE A 109 16.23 -3.22 -5.06
CA PHE A 109 15.72 -3.42 -3.66
C PHE A 109 16.93 -3.57 -2.72
N ASN A 110 17.92 -4.35 -3.12
CA ASN A 110 19.12 -4.47 -2.26
C ASN A 110 19.87 -3.16 -2.10
N GLU A 111 20.03 -2.42 -3.19
CA GLU A 111 20.78 -1.16 -3.16
C GLU A 111 20.17 -0.15 -2.19
N LYS A 112 18.88 0.05 -2.31
CA LYS A 112 18.23 1.05 -1.48
C LYS A 112 18.06 0.54 -0.04
N ALA A 113 17.82 -0.76 0.16
CA ALA A 113 17.72 -1.28 1.53
C ALA A 113 19.10 -1.14 2.22
N GLU A 114 20.20 -1.45 1.51
CA GLU A 114 21.54 -1.28 2.10
C GLU A 114 21.79 0.22 2.41
N GLN A 115 21.36 1.13 1.54
CA GLN A 115 21.55 2.54 1.78
C GLN A 115 20.78 2.93 3.05
N LEU A 116 19.54 2.45 3.18
CA LEU A 116 18.76 2.76 4.37
C LEU A 116 19.51 2.30 5.63
N VAL A 117 20.00 1.07 5.61
CA VAL A 117 20.67 0.54 6.82
C VAL A 117 21.90 1.32 7.13
N GLU A 118 22.66 1.72 6.12
CA GLU A 118 23.86 2.49 6.41
C GLU A 118 23.53 3.87 7.02
N ILE A 119 22.44 4.52 6.55
CA ILE A 119 22.05 5.79 7.12
C ILE A 119 21.60 5.55 8.58
N LEU A 120 20.81 4.50 8.80
CA LEU A 120 20.35 4.26 10.15
C LEU A 120 21.53 3.95 11.06
N GLU A 121 22.52 3.21 10.57
CA GLU A 121 23.69 2.86 11.43
C GLU A 121 24.39 4.11 11.89
N ALA A 122 24.37 5.11 11.04
CA ALA A 122 25.07 6.37 11.34
C ALA A 122 24.31 7.14 12.42
N LYS A 123 23.04 6.79 12.61
CA LYS A 123 22.20 7.44 13.58
C LYS A 123 21.98 6.57 14.79
N ALA A 124 22.58 5.38 14.82
CA ALA A 124 22.30 4.40 15.89
C ALA A 124 23.13 4.57 17.18
N ASP A 125 22.77 5.65 17.86
CA ASP A 125 23.44 6.06 19.10
C ASP A 125 22.65 5.74 20.34
N GLY A 126 21.57 4.99 20.18
CA GLY A 126 20.78 4.59 21.34
C GLY A 126 19.97 5.67 22.04
N GLN A 127 19.92 6.88 21.47
CA GLN A 127 19.15 7.97 22.11
C GLN A 127 18.46 8.95 21.19
N THR A 128 18.98 9.14 19.98
CA THR A 128 18.36 10.10 19.05
C THR A 128 17.17 9.47 18.37
N PRO A 129 15.99 10.09 18.45
CA PRO A 129 14.81 9.51 17.82
C PRO A 129 14.88 9.60 16.31
N VAL A 130 14.49 8.50 15.67
CA VAL A 130 14.45 8.44 14.19
C VAL A 130 13.02 8.05 13.83
N SER A 131 12.39 8.80 12.93
CA SER A 131 11.01 8.43 12.52
C SER A 131 11.12 7.26 11.56
N MET A 132 10.75 6.06 12.02
CA MET A 132 10.82 4.95 11.10
C MET A 132 9.75 5.08 10.01
N GLN A 133 8.62 5.70 10.31
CA GLN A 133 7.63 5.91 9.23
C GLN A 133 8.28 6.72 8.13
N ASP A 134 8.96 7.83 8.48
CA ASP A 134 9.56 8.63 7.41
C ASP A 134 10.70 7.93 6.68
N MET A 135 11.56 7.25 7.43
CA MET A 135 12.67 6.57 6.77
C MET A 135 12.17 5.48 5.82
N LEU A 136 11.08 4.79 6.19
CA LEU A 136 10.57 3.70 5.33
C LEU A 136 9.88 4.33 4.14
N THR A 137 9.22 5.47 4.32
CA THR A 137 8.59 6.16 3.18
C THR A 137 9.69 6.58 2.21
N TYR A 138 10.79 7.14 2.72
CA TYR A 138 11.88 7.54 1.80
C TYR A 138 12.49 6.36 1.05
N THR A 139 12.70 5.23 1.73
CA THR A 139 13.24 4.03 1.11
C THR A 139 12.25 3.53 0.06
N ALA A 140 10.97 3.44 0.39
CA ALA A 140 10.01 2.92 -0.60
C ALA A 140 9.92 3.85 -1.82
N MET A 141 9.99 5.17 -1.61
CA MET A 141 9.92 6.10 -2.74
C MET A 141 11.17 5.95 -3.58
N ASP A 142 12.35 5.92 -2.96
CA ASP A 142 13.56 5.77 -3.80
C ASP A 142 13.55 4.47 -4.58
N ILE A 143 13.06 3.39 -3.98
CA ILE A 143 12.93 2.12 -4.72
C ILE A 143 11.93 2.29 -5.94
N LEU A 144 10.75 2.86 -5.70
CA LEU A 144 9.73 2.96 -6.77
C LEU A 144 10.22 3.87 -7.85
N ALA A 145 10.75 5.03 -7.49
CA ALA A 145 11.20 5.98 -8.55
C ALA A 145 12.24 5.36 -9.45
N LYS A 146 13.15 4.56 -8.90
CA LYS A 146 14.19 3.97 -9.72
C LYS A 146 13.64 2.76 -10.50
N ALA A 147 13.01 1.84 -9.79
CA ALA A 147 12.51 0.64 -10.43
C ALA A 147 11.45 0.85 -11.48
N ALA A 148 10.51 1.72 -11.22
CA ALA A 148 9.42 2.02 -12.15
C ALA A 148 9.70 3.10 -13.20
N PHE A 149 10.45 4.13 -12.84
CA PHE A 149 10.64 5.29 -13.71
C PHE A 149 12.07 5.62 -14.12
N GLY A 150 13.04 4.85 -13.64
CA GLY A 150 14.44 5.07 -13.93
C GLY A 150 14.96 6.38 -13.38
N MET A 151 14.35 6.91 -12.32
CA MET A 151 14.75 8.18 -11.75
C MET A 151 15.30 7.98 -10.33
N GLU A 152 16.17 8.91 -9.92
CA GLU A 152 16.74 8.84 -8.55
C GLU A 152 16.15 10.02 -7.75
N THR A 153 15.22 9.75 -6.84
CA THR A 153 14.65 10.82 -6.05
C THR A 153 15.59 11.20 -4.89
N SER A 154 16.41 10.23 -4.44
CA SER A 154 17.32 10.45 -3.33
C SER A 154 16.69 11.00 -2.06
N MET A 155 15.47 10.54 -1.77
CA MET A 155 14.89 10.99 -0.52
C MET A 155 15.70 10.51 0.67
N LEU A 156 16.42 9.41 0.51
CA LEU A 156 17.24 8.90 1.64
C LEU A 156 18.40 9.87 1.91
N LEU A 157 18.72 10.70 0.93
CA LEU A 157 19.83 11.70 1.08
C LEU A 157 19.28 13.05 1.48
N GLY A 158 17.99 13.12 1.82
CA GLY A 158 17.34 14.36 2.23
C GLY A 158 16.80 15.23 1.11
N ALA A 159 16.86 14.70 -0.12
CA ALA A 159 16.39 15.47 -1.27
C ALA A 159 14.89 15.34 -1.41
N GLN A 160 14.36 16.18 -2.29
CA GLN A 160 12.94 16.16 -2.68
C GLN A 160 11.94 16.29 -1.56
N LYS A 161 12.24 17.12 -0.56
CA LYS A 161 11.28 17.31 0.52
C LYS A 161 9.95 17.88 0.00
N PRO A 162 9.97 18.80 -1.00
CA PRO A 162 8.70 19.34 -1.49
C PRO A 162 7.85 18.24 -2.09
N LEU A 163 8.49 17.28 -2.74
CA LEU A 163 7.73 16.16 -3.32
C LEU A 163 7.14 15.29 -2.22
N SER A 164 7.95 14.98 -1.19
CA SER A 164 7.43 14.14 -0.11
C SER A 164 6.28 14.88 0.62
N GLN A 165 6.40 16.18 0.76
CA GLN A 165 5.32 16.94 1.37
C GLN A 165 4.07 16.98 0.52
N ALA A 166 4.25 17.14 -0.79
CA ALA A 166 3.08 17.15 -1.67
C ALA A 166 2.31 15.81 -1.52
N VAL A 167 3.05 14.69 -1.50
CA VAL A 167 2.38 13.38 -1.40
C VAL A 167 1.59 13.29 -0.07
N LYS A 168 2.23 13.74 0.99
CA LYS A 168 1.56 13.73 2.30
C LYS A 168 0.29 14.57 2.29
N LEU A 169 0.34 15.75 1.71
CA LEU A 169 -0.84 16.61 1.68
C LEU A 169 -1.94 16.04 0.82
N MET A 170 -1.61 15.44 -0.32
CA MET A 170 -2.68 14.92 -1.12
C MET A 170 -3.30 13.67 -0.50
N LEU A 171 -2.54 12.82 0.22
CA LEU A 171 -3.12 11.65 0.84
C LEU A 171 -4.07 12.12 1.97
N GLU A 172 -3.68 13.16 2.72
CA GLU A 172 -4.56 13.72 3.79
C GLU A 172 -5.80 14.28 3.09
N GLY A 173 -5.61 14.93 1.94
CA GLY A 173 -6.72 15.50 1.22
C GLY A 173 -7.70 14.44 0.72
N ILE A 174 -7.21 13.28 0.30
CA ILE A 174 -8.13 12.24 -0.13
C ILE A 174 -9.12 11.92 1.02
N THR A 175 -8.61 11.72 2.22
CA THR A 175 -9.45 11.42 3.35
C THR A 175 -10.34 12.61 3.74
N ALA A 176 -9.77 13.80 3.72
CA ALA A 176 -10.56 14.98 4.13
C ALA A 176 -11.67 15.26 3.16
N SER A 177 -11.37 15.11 1.89
CA SER A 177 -12.33 15.40 0.87
C SER A 177 -13.51 14.45 0.86
N ARG A 178 -13.29 13.20 1.22
CA ARG A 178 -14.39 12.24 1.18
C ARG A 178 -15.16 12.08 2.48
N ASN A 179 -14.64 12.63 3.58
CA ASN A 179 -15.30 12.50 4.88
C ASN A 179 -15.63 13.79 5.56
N THR A 180 -14.90 14.86 5.29
CA THR A 180 -15.21 16.10 5.99
C THR A 180 -15.93 17.23 5.24
N LEU A 181 -16.28 18.28 5.98
CA LEU A 181 -16.94 19.43 5.38
C LEU A 181 -15.92 20.50 5.00
N ALA A 182 -14.63 20.13 4.87
CA ALA A 182 -13.58 21.11 4.54
C ALA A 182 -13.92 22.04 3.39
N LYS A 183 -14.57 21.51 2.38
CA LYS A 183 -14.92 22.30 1.20
C LYS A 183 -15.81 23.50 1.50
N PHE A 184 -16.45 23.47 2.66
CA PHE A 184 -17.32 24.57 3.08
C PHE A 184 -16.83 25.44 4.24
N LEU A 185 -15.69 25.09 4.83
CA LEU A 185 -15.15 25.85 5.96
C LEU A 185 -14.19 26.94 5.48
N PRO A 186 -14.49 28.19 5.79
CA PRO A 186 -13.60 29.28 5.35
C PRO A 186 -12.23 29.06 5.96
N GLY A 187 -12.20 28.44 7.13
CA GLY A 187 -10.93 28.22 7.79
C GLY A 187 -10.06 27.21 7.06
N LYS A 188 -10.68 26.46 6.16
CA LYS A 188 -9.94 25.42 5.42
C LYS A 188 -9.61 25.76 3.97
N ARG A 189 -9.88 26.99 3.56
CA ARG A 189 -9.59 27.38 2.20
C ARG A 189 -8.10 27.22 1.85
N LYS A 190 -7.22 27.54 2.80
CA LYS A 190 -5.79 27.41 2.55
C LYS A 190 -5.44 25.94 2.34
N GLN A 191 -5.98 25.11 3.23
CA GLN A 191 -5.74 23.68 3.18
C GLN A 191 -6.20 23.09 1.81
N LEU A 192 -7.38 23.43 1.33
CA LEU A 192 -7.84 22.93 0.04
C LEU A 192 -6.93 23.43 -1.13
N ARG A 193 -6.49 24.69 -1.06
CA ARG A 193 -5.65 25.19 -2.14
C ARG A 193 -4.36 24.38 -2.13
N GLU A 194 -3.79 24.17 -0.95
CA GLU A 194 -2.53 23.45 -0.89
C GLU A 194 -2.69 22.01 -1.37
N VAL A 195 -3.83 21.39 -1.10
CA VAL A 195 -4.04 20.02 -1.64
C VAL A 195 -4.09 20.10 -3.18
N ARG A 196 -4.88 21.01 -3.75
CA ARG A 196 -4.92 21.10 -5.19
C ARG A 196 -3.53 21.44 -5.80
N GLU A 197 -2.77 22.31 -5.15
CA GLU A 197 -1.43 22.65 -5.62
C GLU A 197 -0.53 21.42 -5.59
N SER A 198 -0.65 20.60 -4.56
CA SER A 198 0.18 19.42 -4.45
C SER A 198 -0.16 18.39 -5.55
N ILE A 199 -1.44 18.28 -5.90
CA ILE A 199 -1.87 17.34 -6.94
C ILE A 199 -1.34 17.85 -8.29
N ARG A 200 -1.43 19.15 -8.55
CA ARG A 200 -0.92 19.64 -9.81
C ARG A 200 0.60 19.48 -9.83
N PHE A 201 1.25 19.64 -8.67
CA PHE A 201 2.72 19.51 -8.62
C PHE A 201 3.11 18.09 -9.01
N LEU A 202 2.42 17.10 -8.44
CA LEU A 202 2.74 15.72 -8.77
C LEU A 202 2.51 15.35 -10.26
N ARG A 203 1.45 15.86 -10.86
CA ARG A 203 1.20 15.55 -12.28
C ARG A 203 2.26 16.24 -13.13
N GLN A 204 2.74 17.41 -12.70
CA GLN A 204 3.78 18.11 -13.45
C GLN A 204 5.11 17.37 -13.28
N VAL A 205 5.39 16.76 -12.10
CA VAL A 205 6.59 15.93 -11.98
C VAL A 205 6.44 14.78 -13.02
N GLY A 206 5.25 14.20 -13.20
CA GLY A 206 5.01 13.16 -14.18
C GLY A 206 5.34 13.71 -15.56
N ARG A 207 4.92 14.92 -15.85
CA ARG A 207 5.25 15.46 -17.20
C ARG A 207 6.76 15.52 -17.42
N ASP A 208 7.50 15.94 -16.40
CA ASP A 208 8.95 16.03 -16.51
C ASP A 208 9.60 14.69 -16.65
N TRP A 209 9.16 13.70 -15.88
CA TRP A 209 9.83 12.41 -15.96
C TRP A 209 9.49 11.71 -17.29
N VAL A 210 8.29 11.98 -17.82
CA VAL A 210 7.87 11.37 -19.09
C VAL A 210 8.71 12.01 -20.20
N GLN A 211 8.92 13.33 -20.12
CA GLN A 211 9.72 14.05 -21.16
C GLN A 211 11.14 13.51 -21.10
N ARG A 212 11.68 13.28 -19.90
CA ARG A 212 13.05 12.81 -19.78
C ARG A 212 13.16 11.45 -20.46
N ARG A 213 12.15 10.62 -20.31
CA ARG A 213 12.19 9.29 -20.90
C ARG A 213 12.12 9.41 -22.44
N ARG A 214 11.17 10.21 -22.91
CA ARG A 214 11.02 10.36 -24.38
C ARG A 214 12.26 10.95 -25.01
N GLU A 215 12.92 11.88 -24.31
CA GLU A 215 14.14 12.50 -24.86
C GLU A 215 15.30 11.53 -24.85
N ALA A 216 15.38 10.71 -23.81
CA ALA A 216 16.45 9.72 -23.73
C ALA A 216 16.30 8.75 -24.91
N LEU A 217 15.08 8.28 -25.15
CA LEU A 217 14.81 7.38 -26.26
C LEU A 217 15.10 8.05 -27.59
N LYS A 218 14.72 9.33 -27.73
CA LYS A 218 14.94 10.04 -29.01
C LYS A 218 16.43 10.15 -29.31
N ARG A 219 17.25 10.26 -28.28
CA ARG A 219 18.70 10.41 -28.47
C ARG A 219 19.37 9.09 -28.64
N GLY A 220 18.58 8.01 -28.63
CA GLY A 220 19.13 6.69 -28.79
C GLY A 220 19.87 6.17 -27.58
N GLU A 221 19.56 6.72 -26.41
CA GLU A 221 20.23 6.25 -25.21
C GLU A 221 19.63 4.92 -24.89
N GLU A 222 20.37 4.10 -24.17
CA GLU A 222 19.84 2.81 -23.81
C GLU A 222 18.90 3.03 -22.62
N VAL A 223 17.74 2.36 -22.68
CA VAL A 223 16.72 2.46 -21.63
C VAL A 223 16.07 1.09 -21.40
N PRO A 224 16.42 0.43 -20.27
CA PRO A 224 15.81 -0.88 -20.02
C PRO A 224 14.29 -0.74 -19.89
N ALA A 225 13.54 -1.77 -20.21
CA ALA A 225 12.08 -1.66 -20.12
C ALA A 225 11.67 -1.73 -18.67
N ASP A 226 10.71 -0.88 -18.29
CA ASP A 226 10.25 -0.87 -16.90
C ASP A 226 8.75 -0.56 -16.88
N ILE A 227 8.19 -0.22 -15.70
CA ILE A 227 6.77 0.09 -15.64
C ILE A 227 6.44 1.29 -16.51
N LEU A 228 7.28 2.32 -16.51
CA LEU A 228 7.04 3.48 -17.34
C LEU A 228 6.93 3.09 -18.83
N THR A 229 7.76 2.15 -19.26
CA THR A 229 7.66 1.69 -20.68
C THR A 229 6.26 1.19 -20.96
N GLN A 230 5.70 0.41 -20.02
CA GLN A 230 4.37 -0.09 -20.31
C GLN A 230 3.25 0.94 -20.14
N ILE A 231 3.37 1.90 -19.19
CA ILE A 231 2.29 2.85 -19.13
C ILE A 231 2.35 3.76 -20.36
N LEU A 232 3.54 3.91 -20.94
CA LEU A 232 3.61 4.71 -22.16
C LEU A 232 2.98 3.87 -23.28
N LYS A 233 3.30 2.58 -23.34
CA LYS A 233 2.74 1.71 -24.38
C LYS A 233 1.20 1.65 -24.31
N ALA A 234 0.65 1.55 -23.11
CA ALA A 234 -0.81 1.50 -22.91
C ALA A 234 -1.53 2.75 -23.48
N GLU A 235 -0.83 3.86 -23.60
CA GLU A 235 -1.43 5.07 -24.12
C GLU A 235 -1.01 5.40 -25.57
N GLU A 236 -0.38 4.46 -26.26
CA GLU A 236 0.04 4.70 -27.64
C GLU A 236 -1.06 5.42 -28.39
N GLY A 237 -2.28 4.92 -28.27
CA GLY A 237 -3.39 5.56 -28.95
C GLY A 237 -4.06 6.60 -28.06
N ALA A 238 -3.50 7.80 -27.98
CA ALA A 238 -4.10 8.84 -27.15
C ALA A 238 -3.95 10.24 -27.69
N GLN A 239 -5.05 10.97 -27.58
CA GLN A 239 -5.16 12.37 -28.00
C GLN A 239 -4.16 13.21 -27.28
N ASP A 240 -4.03 12.97 -25.97
CA ASP A 240 -3.11 13.74 -25.16
C ASP A 240 -2.55 12.81 -24.06
N ASP A 241 -1.85 13.41 -23.14
CA ASP A 241 -1.17 12.65 -22.08
C ASP A 241 -1.90 12.61 -20.72
N GLU A 242 -3.16 13.04 -20.64
CA GLU A 242 -3.78 12.99 -19.32
C GLU A 242 -3.97 11.54 -18.81
N GLY A 243 -4.26 10.58 -19.69
CA GLY A 243 -4.42 9.20 -19.29
C GLY A 243 -3.09 8.63 -18.80
N LEU A 244 -2.02 8.96 -19.53
CA LEU A 244 -0.69 8.53 -19.14
C LEU A 244 -0.33 9.10 -17.73
N LEU A 245 -0.63 10.38 -17.50
CA LEU A 245 -0.32 11.05 -16.24
C LEU A 245 -1.18 10.43 -15.14
N ASP A 246 -2.40 9.97 -15.48
CA ASP A 246 -3.17 9.26 -14.46
C ASP A 246 -2.43 8.01 -14.01
N ASN A 247 -1.86 7.25 -14.93
CA ASN A 247 -1.14 6.06 -14.50
C ASN A 247 0.23 6.43 -13.89
N PHE A 248 0.79 7.59 -14.25
CA PHE A 248 2.05 7.97 -13.59
C PHE A 248 1.72 8.19 -12.10
N VAL A 249 0.70 8.99 -11.82
CA VAL A 249 0.33 9.26 -10.45
C VAL A 249 -0.08 7.97 -9.74
N THR A 250 -0.85 7.11 -10.43
CA THR A 250 -1.32 5.89 -9.82
C THR A 250 -0.16 5.04 -9.35
N PHE A 251 0.82 4.81 -10.22
CA PHE A 251 1.94 3.98 -9.83
C PHE A 251 2.90 4.70 -8.90
N PHE A 252 3.09 5.99 -9.09
CA PHE A 252 3.97 6.74 -8.17
C PHE A 252 3.47 6.63 -6.71
N ILE A 253 2.16 6.79 -6.51
CA ILE A 253 1.65 6.71 -5.14
C ILE A 253 1.47 5.27 -4.69
N ALA A 254 0.75 4.47 -5.45
CA ALA A 254 0.47 3.10 -5.00
C ALA A 254 1.72 2.26 -4.84
N GLY A 255 2.74 2.54 -5.66
CA GLY A 255 3.94 1.75 -5.62
C GLY A 255 4.94 2.07 -4.52
N HIS A 256 4.64 3.10 -3.70
CA HIS A 256 5.50 3.35 -2.53
C HIS A 256 4.80 3.58 -1.22
N GLU A 257 3.69 4.30 -1.22
CA GLU A 257 3.14 4.68 0.09
C GLU A 257 2.51 3.51 0.89
N THR A 258 1.90 2.54 0.21
CA THR A 258 1.27 1.44 0.88
C THR A 258 2.33 0.48 1.46
N SER A 259 3.39 0.22 0.71
CA SER A 259 4.49 -0.64 1.15
C SER A 259 5.14 0.01 2.37
N ALA A 260 5.32 1.34 2.30
CA ALA A 260 5.92 2.05 3.43
C ALA A 260 5.06 1.92 4.67
N ASN A 261 3.73 2.03 4.53
CA ASN A 261 2.87 1.92 5.71
C ASN A 261 2.90 0.50 6.28
N HIS A 262 2.93 -0.51 5.40
CA HIS A 262 3.07 -1.90 5.86
C HIS A 262 4.38 -2.12 6.63
N LEU A 263 5.48 -1.56 6.10
CA LEU A 263 6.73 -1.69 6.81
C LEU A 263 6.66 -0.95 8.18
N ALA A 264 6.07 0.24 8.19
CA ALA A 264 5.98 0.98 9.45
C ALA A 264 5.15 0.25 10.50
N PHE A 265 4.00 -0.27 10.11
CA PHE A 265 3.21 -1.05 11.04
C PHE A 265 3.98 -2.25 11.58
N THR A 266 4.74 -2.92 10.69
CA THR A 266 5.48 -4.13 11.15
C THR A 266 6.55 -3.71 12.14
N VAL A 267 7.29 -2.61 11.89
CA VAL A 267 8.33 -2.16 12.84
C VAL A 267 7.65 -1.74 14.14
N MET A 268 6.53 -1.05 14.03
CA MET A 268 5.79 -0.63 15.25
C MET A 268 5.38 -1.85 16.09
N GLU A 269 4.73 -2.83 15.48
CA GLU A 269 4.26 -3.95 16.29
C GLU A 269 5.44 -4.76 16.81
N LEU A 270 6.46 -5.00 15.96
CA LEU A 270 7.58 -5.79 16.45
C LEU A 270 8.28 -5.16 17.66
N SER A 271 8.21 -3.84 17.80
CA SER A 271 8.87 -3.21 18.95
C SER A 271 8.31 -3.67 20.31
N ARG A 272 7.12 -4.28 20.32
CA ARG A 272 6.55 -4.82 21.57
C ARG A 272 6.43 -6.33 21.54
N GLN A 273 7.16 -6.97 20.64
CA GLN A 273 7.11 -8.45 20.49
C GLN A 273 8.52 -8.98 20.57
N PRO A 274 9.14 -8.91 21.76
CA PRO A 274 10.54 -9.40 21.81
C PRO A 274 10.80 -10.86 21.42
N GLU A 275 9.88 -11.76 21.77
CA GLU A 275 10.05 -13.17 21.43
C GLU A 275 10.00 -13.38 19.91
N ILE A 276 9.10 -12.67 19.26
CA ILE A 276 9.00 -12.79 17.83
C ILE A 276 10.25 -12.22 17.16
N VAL A 277 10.72 -11.06 17.64
CA VAL A 277 11.94 -10.44 17.09
C VAL A 277 13.13 -11.35 17.28
N ALA A 278 13.21 -12.00 18.44
CA ALA A 278 14.32 -12.97 18.65
C ALA A 278 14.31 -14.10 17.64
N ARG A 279 13.16 -14.64 17.31
CA ARG A 279 13.14 -15.67 16.32
C ARG A 279 13.48 -15.12 14.92
N LEU A 280 12.97 -13.93 14.57
CA LEU A 280 13.33 -13.36 13.27
C LEU A 280 14.83 -13.11 13.12
N GLN A 281 15.45 -12.57 14.18
CA GLN A 281 16.87 -12.32 14.17
C GLN A 281 17.60 -13.65 14.03
N ALA A 282 17.15 -14.68 14.72
CA ALA A 282 17.88 -15.93 14.62
C ALA A 282 17.73 -16.48 13.22
N GLU A 283 16.52 -16.35 12.65
CA GLU A 283 16.33 -16.82 11.31
C GLU A 283 17.20 -16.09 10.28
N VAL A 284 17.25 -14.77 10.33
CA VAL A 284 18.09 -14.04 9.39
C VAL A 284 19.56 -14.46 9.59
N ASP A 285 19.97 -14.65 10.82
CA ASP A 285 21.38 -14.99 11.12
C ASP A 285 21.72 -16.33 10.48
N GLU A 286 20.81 -17.31 10.62
CA GLU A 286 21.05 -18.65 10.03
C GLU A 286 20.94 -18.70 8.51
N VAL A 287 20.02 -17.93 7.93
CA VAL A 287 19.80 -17.94 6.49
C VAL A 287 20.68 -17.05 5.62
N ILE A 288 20.91 -15.82 6.04
CA ILE A 288 21.74 -14.94 5.26
C ILE A 288 23.04 -14.54 5.99
N GLY A 289 23.14 -14.84 7.27
CA GLY A 289 24.35 -14.52 8.00
C GLY A 289 24.80 -13.07 7.86
N SER A 290 25.97 -12.82 7.34
CA SER A 290 26.40 -11.43 7.16
C SER A 290 26.40 -11.04 5.67
N LYS A 291 25.74 -11.83 4.80
CA LYS A 291 25.68 -11.51 3.38
C LYS A 291 25.18 -10.10 3.20
N ARG A 292 25.78 -9.39 2.27
CA ARG A 292 25.43 -8.02 1.98
C ARG A 292 24.27 -7.92 1.02
N TYR A 293 24.28 -8.77 0.01
CA TYR A 293 23.30 -8.81 -1.06
C TYR A 293 22.37 -10.02 -0.89
N LEU A 294 21.06 -9.80 -0.82
CA LEU A 294 20.13 -10.91 -0.72
C LEU A 294 19.66 -11.36 -2.10
N ASP A 295 19.68 -12.67 -2.30
CA ASP A 295 19.26 -13.28 -3.56
C ASP A 295 17.78 -13.62 -3.52
N PHE A 296 17.18 -13.74 -4.69
CA PHE A 296 15.78 -14.11 -4.73
C PHE A 296 15.49 -15.37 -3.91
N GLU A 297 16.35 -16.39 -4.03
CA GLU A 297 16.10 -17.62 -3.28
C GLU A 297 16.30 -17.45 -1.78
N ASP A 298 17.08 -16.43 -1.38
CA ASP A 298 17.27 -16.18 0.05
C ASP A 298 15.93 -15.79 0.67
N LEU A 299 15.20 -14.92 -0.01
CA LEU A 299 13.93 -14.45 0.51
C LEU A 299 12.98 -15.59 0.82
N GLY A 300 12.90 -16.57 -0.06
CA GLY A 300 12.02 -17.70 0.18
C GLY A 300 12.45 -18.50 1.40
N ARG A 301 13.73 -18.46 1.76
CA ARG A 301 14.10 -19.22 2.94
C ARG A 301 13.73 -18.52 4.26
N LEU A 302 13.40 -17.24 4.21
CA LEU A 302 13.02 -16.52 5.41
C LEU A 302 11.54 -16.77 5.65
N GLN A 303 11.23 -18.00 6.06
CA GLN A 303 9.83 -18.44 6.26
C GLN A 303 9.11 -17.78 7.37
N TYR A 304 9.75 -17.58 8.52
CA TYR A 304 9.05 -16.97 9.63
C TYR A 304 8.82 -15.47 9.36
N LEU A 305 9.80 -14.83 8.70
CA LEU A 305 9.61 -13.42 8.36
C LEU A 305 8.35 -13.31 7.46
N SER A 306 8.20 -14.23 6.52
CA SER A 306 6.95 -14.20 5.69
C SER A 306 5.70 -14.30 6.55
N GLN A 307 5.72 -15.14 7.57
CA GLN A 307 4.56 -15.30 8.46
C GLN A 307 4.27 -14.01 9.19
N VAL A 308 5.33 -13.39 9.71
CA VAL A 308 5.22 -12.14 10.46
C VAL A 308 4.59 -11.04 9.56
N LEU A 309 5.08 -10.93 8.33
CA LEU A 309 4.55 -9.90 7.41
C LEU A 309 3.07 -10.20 7.07
N LYS A 310 2.70 -11.46 6.89
CA LYS A 310 1.29 -11.79 6.66
C LYS A 310 0.43 -11.43 7.86
N GLU A 311 0.92 -11.68 9.10
CA GLU A 311 0.11 -11.34 10.25
C GLU A 311 0.03 -9.82 10.43
N SER A 312 1.10 -9.11 10.05
CA SER A 312 1.04 -7.66 10.08
C SER A 312 -0.05 -7.12 9.13
N LEU A 313 -0.21 -7.75 7.95
CA LEU A 313 -1.26 -7.31 7.04
C LEU A 313 -2.65 -7.77 7.47
N ARG A 314 -2.75 -8.80 8.31
CA ARG A 314 -4.10 -9.21 8.79
C ARG A 314 -4.62 -8.13 9.75
N LEU A 315 -3.79 -7.68 10.73
CA LEU A 315 -4.18 -6.71 11.69
C LEU A 315 -4.06 -5.26 11.22
N TYR A 316 -3.13 -5.03 10.27
CA TYR A 316 -2.88 -3.67 9.84
C TYR A 316 -2.77 -3.55 8.32
N PRO A 317 -3.86 -3.81 7.63
CA PRO A 317 -3.88 -3.70 6.16
C PRO A 317 -3.94 -2.23 5.75
N PRO A 318 -2.92 -1.71 5.05
CA PRO A 318 -3.06 -0.30 4.69
C PRO A 318 -4.19 -0.06 3.70
N ALA A 319 -4.35 -0.97 2.73
CA ALA A 319 -5.45 -0.81 1.77
C ALA A 319 -6.57 -1.66 2.41
N TRP A 320 -7.52 -0.92 2.98
CA TRP A 320 -8.49 -1.48 3.88
C TRP A 320 -9.81 -1.91 3.34
N GLY A 321 -10.07 -1.58 2.09
CA GLY A 321 -11.37 -1.96 1.54
C GLY A 321 -11.40 -1.82 0.03
N THR A 322 -12.38 -2.50 -0.58
CA THR A 322 -12.55 -2.41 -2.04
C THR A 322 -14.08 -2.49 -2.23
N PHE A 323 -14.56 -1.94 -3.33
CA PHE A 323 -16.01 -1.92 -3.59
C PHE A 323 -16.34 -2.53 -4.95
N ARG A 324 -17.49 -3.23 -4.97
CA ARG A 324 -18.02 -3.75 -6.24
C ARG A 324 -19.45 -3.21 -6.34
N LEU A 325 -19.88 -2.91 -7.56
CA LEU A 325 -21.25 -2.41 -7.80
C LEU A 325 -22.20 -3.60 -7.92
N LEU A 326 -23.26 -3.62 -7.11
CA LEU A 326 -24.30 -4.69 -7.24
C LEU A 326 -25.29 -4.01 -8.19
N GLU A 327 -25.43 -4.54 -9.41
CA GLU A 327 -26.29 -3.89 -10.39
C GLU A 327 -27.77 -4.17 -10.15
N GLU A 328 -28.09 -5.35 -9.67
CA GLU A 328 -29.50 -5.62 -9.42
C GLU A 328 -29.78 -6.23 -8.07
N GLU A 329 -31.04 -6.09 -7.65
CA GLU A 329 -31.47 -6.60 -6.36
C GLU A 329 -31.08 -8.06 -6.24
N THR A 330 -30.44 -8.38 -5.12
CA THR A 330 -29.90 -9.70 -4.88
C THR A 330 -30.02 -10.12 -3.45
N LEU A 331 -30.29 -11.40 -3.20
CA LEU A 331 -30.29 -11.92 -1.86
C LEU A 331 -28.81 -12.25 -1.54
N ILE A 332 -28.28 -11.66 -0.46
CA ILE A 332 -26.90 -11.92 -0.06
C ILE A 332 -26.99 -12.44 1.40
N ASP A 333 -26.63 -13.71 1.62
CA ASP A 333 -26.73 -14.34 2.93
C ASP A 333 -28.10 -14.09 3.53
N GLY A 334 -29.13 -14.18 2.68
CA GLY A 334 -30.50 -14.04 3.15
C GLY A 334 -31.06 -12.65 3.34
N VAL A 335 -30.25 -11.64 3.04
CA VAL A 335 -30.62 -10.22 3.15
C VAL A 335 -30.81 -9.69 1.72
N ARG A 336 -31.94 -9.03 1.47
CA ARG A 336 -32.26 -8.52 0.13
C ARG A 336 -31.63 -7.15 0.01
N VAL A 337 -30.65 -7.07 -0.87
CA VAL A 337 -29.94 -5.82 -1.10
C VAL A 337 -30.39 -5.19 -2.44
N PRO A 338 -30.80 -3.92 -2.41
CA PRO A 338 -31.26 -3.21 -3.59
C PRO A 338 -30.20 -3.10 -4.67
N GLY A 339 -30.64 -2.97 -5.92
CA GLY A 339 -29.74 -2.79 -7.05
C GLY A 339 -29.08 -1.43 -6.91
N ASN A 340 -28.00 -1.24 -7.66
CA ASN A 340 -27.21 -0.02 -7.67
C ASN A 340 -26.73 0.33 -6.29
N THR A 341 -26.25 -0.69 -5.58
CA THR A 341 -25.70 -0.49 -4.22
C THR A 341 -24.23 -0.84 -4.27
N PRO A 342 -23.37 -0.02 -3.65
CA PRO A 342 -21.95 -0.37 -3.64
C PRO A 342 -21.76 -1.37 -2.49
N LEU A 343 -21.07 -2.47 -2.78
CA LEU A 343 -20.76 -3.48 -1.76
C LEU A 343 -19.35 -3.26 -1.34
N LEU A 344 -19.12 -3.21 -0.01
CA LEU A 344 -17.76 -3.00 0.56
C LEU A 344 -17.23 -4.33 1.09
N PHE A 345 -16.05 -4.72 0.64
CA PHE A 345 -15.38 -5.96 1.16
C PHE A 345 -14.15 -5.38 1.89
N SER A 346 -14.02 -5.69 3.18
CA SER A 346 -12.94 -5.13 3.98
C SER A 346 -12.12 -6.13 4.71
N THR A 347 -10.87 -6.28 4.26
CA THR A 347 -9.96 -7.22 4.91
C THR A 347 -9.66 -6.69 6.34
N TYR A 348 -9.70 -5.35 6.55
CA TYR A 348 -9.51 -4.82 7.90
C TYR A 348 -10.61 -5.34 8.85
N VAL A 349 -11.87 -5.23 8.42
CA VAL A 349 -12.96 -5.65 9.27
C VAL A 349 -12.90 -7.17 9.50
N MET A 350 -12.68 -7.94 8.45
CA MET A 350 -12.71 -9.41 8.63
C MET A 350 -11.59 -9.89 9.50
N GLY A 351 -10.45 -9.23 9.42
CA GLY A 351 -9.30 -9.61 10.23
C GLY A 351 -9.51 -9.33 11.71
N ARG A 352 -10.46 -8.48 12.08
CA ARG A 352 -10.67 -8.16 13.46
C ARG A 352 -11.94 -8.81 14.03
N MET A 353 -12.50 -9.71 13.24
CA MET A 353 -13.75 -10.38 13.68
C MET A 353 -13.39 -11.71 14.33
N ASP A 354 -13.79 -11.87 15.60
CA ASP A 354 -13.49 -13.12 16.29
C ASP A 354 -14.18 -14.30 15.64
N THR A 355 -15.21 -14.02 14.85
CA THR A 355 -15.91 -15.04 14.08
C THR A 355 -14.92 -15.75 13.09
N TYR A 356 -13.94 -15.00 12.56
CA TYR A 356 -12.99 -15.51 11.59
C TYR A 356 -11.56 -15.76 12.09
N PHE A 357 -11.18 -15.03 13.13
CA PHE A 357 -9.86 -15.19 13.72
C PHE A 357 -9.99 -15.21 15.24
N GLU A 358 -9.65 -16.35 15.87
CA GLU A 358 -9.70 -16.42 17.33
C GLU A 358 -8.76 -15.40 17.99
N ASP A 359 -9.21 -14.73 19.06
CA ASP A 359 -8.43 -13.68 19.77
C ASP A 359 -7.84 -12.79 18.68
N PRO A 360 -8.69 -12.13 17.90
CA PRO A 360 -8.25 -11.27 16.79
C PRO A 360 -7.22 -10.22 17.05
N LEU A 361 -7.18 -9.66 18.25
CA LEU A 361 -6.20 -8.64 18.57
C LEU A 361 -4.81 -9.20 18.94
N THR A 362 -4.68 -10.51 19.08
CA THR A 362 -3.36 -11.07 19.40
C THR A 362 -2.56 -11.18 18.09
N PHE A 363 -1.34 -10.64 18.10
CA PHE A 363 -0.48 -10.71 16.94
C PHE A 363 0.20 -12.08 17.07
N ASN A 364 -0.12 -12.99 16.17
CA ASN A 364 0.41 -14.37 16.25
C ASN A 364 0.73 -14.88 14.90
N PRO A 365 2.00 -14.76 14.49
CA PRO A 365 2.44 -15.21 13.18
C PRO A 365 2.19 -16.69 12.90
N ASP A 366 1.94 -17.47 13.96
CA ASP A 366 1.70 -18.90 13.78
C ASP A 366 0.40 -19.13 13.04
N ARG A 367 -0.47 -18.10 12.96
CA ARG A 367 -1.70 -18.28 12.16
C ARG A 367 -1.33 -18.61 10.69
N PHE A 368 -0.11 -18.26 10.24
CA PHE A 368 0.33 -18.47 8.88
C PHE A 368 1.44 -19.49 8.78
N GLY A 369 1.55 -20.30 9.84
CA GLY A 369 2.56 -21.37 9.88
C GLY A 369 2.24 -22.61 9.02
N PRO A 370 3.26 -23.45 8.75
CA PRO A 370 3.13 -24.68 7.94
C PRO A 370 2.01 -25.49 8.56
N GLY A 371 1.09 -25.99 7.73
CA GLY A 371 0.03 -26.79 8.31
C GLY A 371 -1.15 -26.06 8.94
N ALA A 372 -0.98 -24.80 9.36
CA ALA A 372 -2.12 -24.07 9.93
C ALA A 372 -3.13 -23.96 8.79
N PRO A 373 -4.43 -24.05 9.13
CA PRO A 373 -5.45 -23.94 8.09
C PRO A 373 -5.38 -22.55 7.48
N LYS A 374 -5.35 -22.47 6.17
CA LYS A 374 -5.25 -21.18 5.47
C LYS A 374 -6.56 -20.40 5.56
N PRO A 375 -6.47 -19.06 5.74
CA PRO A 375 -7.75 -18.37 5.81
C PRO A 375 -8.42 -18.45 4.45
N ARG A 376 -9.71 -18.80 4.46
CA ARG A 376 -10.42 -18.92 3.21
C ARG A 376 -11.35 -17.74 3.02
N PHE A 377 -10.95 -16.80 2.15
CA PHE A 377 -11.72 -15.60 1.85
C PHE A 377 -12.01 -14.72 3.06
N THR A 378 -11.15 -14.76 4.08
CA THR A 378 -11.30 -13.93 5.27
C THR A 378 -10.09 -12.98 5.43
N TYR A 379 -9.21 -13.05 4.46
CA TYR A 379 -7.92 -12.32 4.53
C TYR A 379 -7.51 -11.99 3.11
N PHE A 380 -7.44 -10.68 2.82
CA PHE A 380 -7.12 -10.30 1.45
C PHE A 380 -6.55 -8.88 1.42
N PRO A 381 -5.31 -8.75 1.94
CA PRO A 381 -4.65 -7.43 1.97
C PRO A 381 -4.26 -6.89 0.61
N PHE A 382 -4.26 -7.76 -0.41
CA PHE A 382 -3.98 -7.33 -1.79
C PHE A 382 -5.24 -7.53 -2.64
N SER A 383 -6.37 -7.69 -1.93
CA SER A 383 -7.67 -8.03 -2.58
C SER A 383 -7.55 -9.38 -3.30
N LEU A 384 -8.56 -9.67 -4.12
CA LEU A 384 -8.63 -11.00 -4.80
C LEU A 384 -9.27 -10.87 -6.12
N GLY A 385 -8.98 -11.83 -6.98
CA GLY A 385 -9.63 -11.81 -8.27
C GLY A 385 -9.01 -10.93 -9.30
N HIS A 386 -9.79 -10.60 -10.34
CA HIS A 386 -9.20 -9.84 -11.41
C HIS A 386 -8.68 -8.44 -11.03
N ARG A 387 -9.30 -7.82 -10.02
CA ARG A 387 -8.82 -6.46 -9.63
C ARG A 387 -7.86 -6.53 -8.43
N SER A 388 -7.21 -7.68 -8.23
CA SER A 388 -6.22 -7.79 -7.15
C SER A 388 -4.98 -6.97 -7.54
N CYS A 389 -4.15 -6.71 -6.53
CA CYS A 389 -2.96 -5.84 -6.73
C CYS A 389 -1.96 -6.37 -7.75
N ILE A 390 -1.72 -5.56 -8.77
CA ILE A 390 -0.72 -5.93 -9.78
C ILE A 390 0.68 -5.88 -9.19
N GLY A 391 0.81 -5.10 -8.13
CA GLY A 391 2.13 -4.99 -7.46
C GLY A 391 2.37 -5.90 -6.27
N GLN A 392 1.59 -6.95 -6.10
CA GLN A 392 1.72 -7.76 -4.89
C GLN A 392 3.08 -8.38 -4.72
N GLN A 393 3.57 -9.01 -5.80
CA GLN A 393 4.89 -9.65 -5.72
C GLN A 393 6.02 -8.63 -5.56
N PHE A 394 5.95 -7.50 -6.30
CA PHE A 394 6.90 -6.40 -6.17
C PHE A 394 6.95 -6.00 -4.69
N ALA A 395 5.78 -5.75 -4.12
CA ALA A 395 5.71 -5.32 -2.70
C ALA A 395 6.25 -6.38 -1.73
N GLN A 396 5.85 -7.63 -1.93
CA GLN A 396 6.29 -8.66 -0.99
C GLN A 396 7.81 -8.83 -1.01
N MET A 397 8.41 -8.73 -2.20
CA MET A 397 9.86 -8.84 -2.36
C MET A 397 10.54 -7.62 -1.73
N GLU A 398 10.11 -6.39 -2.09
CA GLU A 398 10.80 -5.22 -1.51
C GLU A 398 10.70 -5.14 0.03
N VAL A 399 9.53 -5.49 0.58
CA VAL A 399 9.38 -5.43 2.04
C VAL A 399 10.20 -6.47 2.75
N LYS A 400 10.38 -7.63 2.12
CA LYS A 400 11.19 -8.66 2.74
C LYS A 400 12.64 -8.29 2.69
N VAL A 401 13.10 -7.72 1.58
CA VAL A 401 14.49 -7.29 1.51
C VAL A 401 14.79 -6.23 2.56
N VAL A 402 13.91 -5.23 2.68
CA VAL A 402 14.15 -4.17 3.68
C VAL A 402 14.13 -4.77 5.10
N MET A 403 13.08 -5.56 5.40
CA MET A 403 13.03 -6.15 6.77
C MET A 403 14.20 -7.04 7.08
N ALA A 404 14.61 -7.88 6.11
CA ALA A 404 15.76 -8.81 6.38
C ALA A 404 17.02 -7.99 6.72
N LYS A 405 17.23 -6.90 6.00
CA LYS A 405 18.44 -6.10 6.22
C LYS A 405 18.37 -5.35 7.56
N LEU A 406 17.20 -4.81 7.89
CA LEU A 406 17.06 -4.16 9.19
C LEU A 406 17.30 -5.19 10.30
N LEU A 407 16.75 -6.41 10.18
CA LEU A 407 16.91 -7.42 11.23
C LEU A 407 18.36 -7.88 11.36
N GLN A 408 19.07 -7.91 10.26
CA GLN A 408 20.46 -8.31 10.25
C GLN A 408 21.35 -7.27 10.95
N ARG A 409 21.07 -6.00 10.72
CA ARG A 409 22.00 -4.96 11.13
C ARG A 409 21.67 -3.99 12.26
N LEU A 410 20.41 -3.96 12.69
CA LEU A 410 19.99 -2.98 13.69
C LEU A 410 19.08 -3.55 14.72
N GLU A 411 19.15 -2.94 15.90
CA GLU A 411 18.23 -3.27 17.00
C GLU A 411 17.40 -1.96 17.18
N PHE A 412 16.06 -2.08 17.30
CA PHE A 412 15.18 -0.92 17.48
C PHE A 412 14.49 -0.91 18.83
N ARG A 413 14.25 0.28 19.33
CA ARG A 413 13.48 0.47 20.57
C ARG A 413 12.52 1.62 20.31
N LEU A 414 11.21 1.41 20.48
CA LEU A 414 10.27 2.47 20.22
C LEU A 414 10.44 3.52 21.32
N VAL A 415 10.36 4.81 20.99
CA VAL A 415 10.52 5.90 21.99
C VAL A 415 9.29 5.81 22.91
N PRO A 416 9.50 5.84 24.23
CA PRO A 416 8.36 5.77 25.15
C PRO A 416 7.32 6.84 24.81
N GLY A 417 6.05 6.47 24.80
CA GLY A 417 5.03 7.44 24.49
C GLY A 417 4.44 7.23 23.10
N GLN A 418 5.26 6.66 22.21
CA GLN A 418 4.71 6.40 20.86
C GLN A 418 3.56 5.43 21.03
N ARG A 419 2.48 5.72 20.30
CA ARG A 419 1.26 4.91 20.40
C ARG A 419 1.22 3.80 19.35
N PHE A 420 0.29 2.86 19.54
CA PHE A 420 0.13 1.75 18.59
C PHE A 420 -1.16 1.84 17.76
N GLY A 421 -1.80 3.00 17.84
CA GLY A 421 -3.04 3.24 17.14
C GLY A 421 -2.84 3.48 15.66
N LEU A 422 -3.96 3.66 14.99
CA LEU A 422 -3.95 3.87 13.53
C LEU A 422 -4.53 5.24 13.20
N GLN A 423 -4.25 5.65 11.97
CA GLN A 423 -4.88 6.82 11.42
C GLN A 423 -5.11 6.49 9.93
N GLU A 424 -6.03 7.22 9.33
CA GLU A 424 -6.32 7.04 7.90
C GLU A 424 -5.89 8.29 7.13
N GLN A 425 -4.97 8.12 6.17
CA GLN A 425 -4.65 9.23 5.24
C GLN A 425 -4.62 8.50 3.89
N ALA A 426 -5.84 8.34 3.38
CA ALA A 426 -6.21 7.53 2.16
C ALA A 426 -6.12 6.07 2.65
N THR A 427 -4.91 5.54 2.81
CA THR A 427 -4.71 4.19 3.38
C THR A 427 -4.50 4.29 4.89
N LEU A 428 -4.48 3.17 5.57
CA LEU A 428 -4.20 3.20 7.03
C LEU A 428 -2.69 3.19 7.26
N LYS A 429 -2.28 3.88 8.33
CA LYS A 429 -0.88 3.93 8.73
C LYS A 429 -0.81 4.19 10.22
N PRO A 430 0.36 3.99 10.84
CA PRO A 430 0.41 4.24 12.30
C PRO A 430 0.03 5.69 12.62
N LEU A 431 -0.69 5.85 13.72
CA LEU A 431 -1.07 7.15 14.21
C LEU A 431 0.19 7.97 14.53
N ASP A 432 1.12 7.33 15.23
CA ASP A 432 2.38 8.00 15.57
C ASP A 432 3.42 7.56 14.52
N PRO A 433 4.43 8.39 14.32
CA PRO A 433 5.41 8.07 13.27
C PRO A 433 6.48 7.06 13.54
N VAL A 434 6.21 6.17 14.48
CA VAL A 434 7.14 5.10 14.81
C VAL A 434 8.54 5.62 15.11
N LEU A 435 8.62 6.55 16.05
CA LEU A 435 9.91 7.05 16.47
C LEU A 435 10.61 5.99 17.26
N CYS A 436 11.85 5.71 16.88
CA CYS A 436 12.67 4.71 17.53
C CYS A 436 14.08 5.20 17.78
N THR A 437 14.72 4.54 18.75
CA THR A 437 16.16 4.76 18.95
C THR A 437 16.74 3.45 18.42
N LEU A 438 17.98 3.52 17.93
CA LEU A 438 18.64 2.40 17.28
C LEU A 438 20.02 2.11 17.79
N ARG A 439 20.43 0.85 17.67
CA ARG A 439 21.78 0.43 18.01
C ARG A 439 22.20 -0.57 16.96
N PRO A 440 23.49 -0.62 16.61
CA PRO A 440 23.97 -1.57 15.62
C PRO A 440 23.92 -2.98 16.22
N ARG A 441 23.60 -3.90 15.35
CA ARG A 441 23.49 -5.28 15.72
C ARG A 441 24.37 -6.22 14.91
N GLY A 442 24.80 -7.28 15.60
CA GLY A 442 25.54 -8.34 14.96
C GLY A 442 26.86 -8.05 14.28
N TRP A 443 27.08 -8.78 13.20
CA TRP A 443 28.33 -8.68 12.49
C TRP A 443 28.74 -7.38 11.89
CHA HEM B . -4.47 -2.65 -6.31
CHB HEM B . -2.90 -3.50 -1.86
CHC HEM B . 1.65 -2.47 -3.21
CHD HEM B . -0.04 -1.21 -7.52
C1A HEM B . -4.44 -3.02 -4.99
C2A HEM B . -5.55 -3.39 -4.25
C3A HEM B . -5.14 -3.62 -3.02
C4A HEM B . -3.71 -3.40 -2.97
CMA HEM B . -5.98 -4.03 -1.78
CAA HEM B . -6.98 -3.45 -4.66
CBA HEM B . -7.47 -1.95 -4.59
CGA HEM B . -8.94 -1.70 -4.83
O1A HEM B . -9.65 -2.69 -5.11
O2A HEM B . -9.38 -0.58 -4.69
C1B HEM B . -1.53 -3.28 -1.82
C2B HEM B . -0.72 -3.41 -0.64
C3B HEM B . 0.62 -3.12 -1.09
C4B HEM B . 0.52 -2.81 -2.46
CMB HEM B . -1.20 -3.77 0.71
CAB HEM B . 1.84 -3.13 -0.30
CBB HEM B . 2.02 -3.84 0.79
C1C HEM B . 1.57 -2.09 -4.52
C2C HEM B . 2.74 -1.73 -5.32
C3C HEM B . 2.26 -1.34 -6.58
C4C HEM B . 0.77 -1.50 -6.48
CMC HEM B . 4.19 -1.80 -4.83
CAC HEM B . 3.00 -0.92 -7.67
CBC HEM B . 4.23 -1.15 -8.11
C1D HEM B . -1.38 -1.44 -7.56
C2D HEM B . -2.25 -1.16 -8.73
C3D HEM B . -3.47 -1.66 -8.41
C4D HEM B . -3.40 -2.14 -7.02
CMD HEM B . -1.74 -0.48 -9.98
CAD HEM B . -4.68 -1.71 -9.29
CBD HEM B . -4.66 -3.14 -9.96
CGD HEM B . -5.79 -3.38 -10.93
O1D HEM B . -6.93 -3.02 -10.62
O2D HEM B . -5.54 -3.87 -12.04
NA HEM B . -3.28 -3.00 -4.21
NB HEM B . -0.79 -2.88 -2.92
NC HEM B . 0.40 -1.99 -5.29
ND HEM B . -2.11 -2.00 -6.53
FE HEM B . -1.42 -2.49 -4.74
C1 FJZ C . -3.14 -0.04 -4.31
N1 FJZ C . -1.93 -0.65 -4.13
S1 FJZ C . -7.62 5.13 -0.47
C2 FJZ C . -1.23 0.12 -3.28
N2 FJZ C . -1.97 1.20 -2.94
C3 FJZ C . -3.21 1.14 -3.57
N3 FJZ C . -6.66 3.35 -2.29
C4 FJZ C . -4.33 2.12 -3.47
N4 FJZ C . -8.90 3.18 -1.75
C5 FJZ C . -5.71 1.43 -3.58
C6 FJZ C . -4.22 2.90 -2.12
C7 FJZ C . -6.86 2.52 -3.52
C8 FJZ C . -5.31 3.99 -2.11
C9 FJZ C . -7.73 3.74 -1.62
C10 FJZ C . -10.12 3.60 -1.06
C11 FJZ C . -10.82 4.70 -1.86
C12 FJZ C . -11.07 2.40 -0.80
C13 FJZ C . -11.40 4.24 -3.22
C14 FJZ C . -11.78 1.97 -2.10
C15 FJZ C . -12.43 3.11 -2.89
#